data_6T62
#
_entry.id   6T62
#
_cell.length_a   87.647
_cell.length_b   87.647
_cell.length_c   151.540
_cell.angle_alpha   90.000
_cell.angle_beta   90.000
_cell.angle_gamma   90.000
#
_symmetry.space_group_name_H-M   'P 43 21 2'
#
loop_
_entity.id
_entity.type
_entity.pdbx_description
1 polymer '3-oxoacyl-(Acyl-carrier-protein) reductase'
2 non-polymer 'NADP NICOTINAMIDE-ADENINE-DINUCLEOTIDE PHOSPHATE'
3 water water
#
_entity_poly.entity_id   1
_entity_poly.type   'polypeptide(L)'
_entity_poly.pdbx_seq_one_letter_code
;MAQERKVALVTGASRGIGAAIAQQLIQDGYFVVGTATSESGAQKLTDSFGEQGAGLALDVRNLDEIEAVVSHIEQNYGPV
LVLVNNAGITKDNLLLRMSEDDWDDILNIHLKAVYRLSKRVLKGMTKARFGRIINISSVVAHFANPGQANYSAAKAGIEA
FSRSLAKEMGSRQITVNSVAPGFIATEMTDALSEDIRKKMSDQVALNRLGEPQDIANAVSFLASDKAGYITGTVLHVNGG
LYMA
;
_entity_poly.pdbx_strand_id   A,B
#
# COMPACT_ATOMS: atom_id res chain seq x y z
N MET A 1 -7.75 -28.97 -32.52
CA MET A 1 -8.40 -27.62 -32.42
C MET A 1 -7.74 -26.77 -31.33
N ALA A 2 -7.64 -25.49 -31.67
CA ALA A 2 -6.98 -24.50 -30.84
C ALA A 2 -7.81 -24.05 -29.67
N GLN A 3 -7.12 -23.58 -28.63
CA GLN A 3 -7.81 -23.09 -27.44
C GLN A 3 -8.58 -21.81 -27.78
N GLU A 4 -9.91 -21.81 -27.64
CA GLU A 4 -10.72 -20.66 -28.10
C GLU A 4 -11.38 -19.83 -27.00
N ARG A 5 -11.38 -20.32 -25.78
CA ARG A 5 -12.03 -19.58 -24.69
C ARG A 5 -11.15 -18.44 -24.26
N LYS A 6 -11.75 -17.40 -23.67
N LYS A 6 -11.74 -17.41 -23.67
CA LYS A 6 -10.95 -16.34 -23.04
CA LYS A 6 -10.95 -16.35 -23.04
C LYS A 6 -10.16 -16.97 -21.90
C LYS A 6 -10.16 -16.97 -21.90
N VAL A 7 -8.92 -16.51 -21.72
CA VAL A 7 -8.02 -17.05 -20.71
C VAL A 7 -8.02 -16.19 -19.42
N ALA A 8 -8.20 -16.84 -18.28
CA ALA A 8 -8.02 -16.25 -16.97
C ALA A 8 -6.78 -16.85 -16.30
N LEU A 9 -6.03 -16.01 -15.62
CA LEU A 9 -4.89 -16.41 -14.81
C LEU A 9 -5.21 -16.10 -13.35
N VAL A 10 -5.20 -17.14 -12.53
CA VAL A 10 -5.46 -17.04 -11.09
C VAL A 10 -4.20 -17.46 -10.34
N THR A 11 -3.53 -16.53 -9.68
CA THR A 11 -2.32 -16.91 -8.93
C THR A 11 -2.74 -17.52 -7.60
N GLY A 12 -1.96 -18.50 -7.14
CA GLY A 12 -2.23 -19.23 -5.90
C GLY A 12 -3.57 -19.92 -5.85
N ALA A 13 -3.80 -20.82 -6.80
CA ALA A 13 -5.10 -21.46 -6.96
C ALA A 13 -5.20 -22.83 -6.27
N SER A 14 -4.23 -23.18 -5.43
CA SER A 14 -4.16 -24.54 -4.85
C SER A 14 -5.28 -24.88 -3.91
N ARG A 15 -5.74 -23.91 -3.14
CA ARG A 15 -6.74 -24.21 -2.11
C ARG A 15 -7.56 -22.99 -1.78
N GLY A 16 -8.57 -23.20 -0.93
CA GLY A 16 -9.36 -22.12 -0.35
C GLY A 16 -9.92 -21.17 -1.38
N ILE A 17 -9.62 -19.89 -1.17
CA ILE A 17 -10.17 -18.82 -2.00
C ILE A 17 -9.69 -18.92 -3.43
N GLY A 18 -8.38 -19.13 -3.62
CA GLY A 18 -7.83 -19.23 -4.98
C GLY A 18 -8.43 -20.40 -5.77
N ALA A 19 -8.60 -21.52 -5.09
CA ALA A 19 -9.18 -22.70 -5.73
C ALA A 19 -10.63 -22.45 -6.14
N ALA A 20 -11.39 -21.82 -5.25
CA ALA A 20 -12.80 -21.56 -5.51
C ALA A 20 -12.96 -20.54 -6.63
N ILE A 21 -12.10 -19.53 -6.68
CA ILE A 21 -12.13 -18.57 -7.78
C ILE A 21 -11.87 -19.30 -9.12
N ALA A 22 -10.83 -20.12 -9.16
CA ALA A 22 -10.45 -20.82 -10.40
C ALA A 22 -11.58 -21.71 -10.92
N GLN A 23 -12.17 -22.49 -10.04
CA GLN A 23 -13.24 -23.38 -10.40
C GLN A 23 -14.46 -22.61 -10.87
N GLN A 24 -14.76 -21.46 -10.24
CA GLN A 24 -15.92 -20.67 -10.66
C GLN A 24 -15.72 -20.04 -12.03
N LEU A 25 -14.52 -19.55 -12.29
CA LEU A 25 -14.22 -18.98 -13.61
C LEU A 25 -14.26 -20.06 -14.69
N ILE A 26 -13.87 -21.29 -14.36
CA ILE A 26 -14.09 -22.41 -15.30
C ILE A 26 -15.59 -22.59 -15.57
N GLN A 27 -16.40 -22.64 -14.52
CA GLN A 27 -17.84 -22.78 -14.69
C GLN A 27 -18.45 -21.64 -15.52
N ASP A 28 -17.89 -20.44 -15.37
CA ASP A 28 -18.33 -19.27 -16.14
C ASP A 28 -17.95 -19.34 -17.63
N GLY A 29 -17.04 -20.25 -18.00
CA GLY A 29 -16.67 -20.47 -19.39
C GLY A 29 -15.26 -20.06 -19.78
N TYR A 30 -14.46 -19.61 -18.80
CA TYR A 30 -13.07 -19.28 -19.08
C TYR A 30 -12.21 -20.55 -19.17
N PHE A 31 -11.12 -20.45 -19.92
CA PHE A 31 -10.01 -21.41 -19.81
C PHE A 31 -9.13 -20.84 -18.69
N VAL A 32 -8.94 -21.58 -17.61
CA VAL A 32 -8.25 -21.05 -16.43
C VAL A 32 -6.84 -21.61 -16.26
N VAL A 33 -5.87 -20.73 -16.21
CA VAL A 33 -4.53 -21.10 -15.77
C VAL A 33 -4.41 -20.71 -14.29
N GLY A 34 -4.11 -21.70 -13.46
CA GLY A 34 -3.85 -21.49 -12.04
C GLY A 34 -2.40 -21.72 -11.71
N THR A 35 -1.90 -21.04 -10.67
CA THR A 35 -0.52 -21.25 -10.27
C THR A 35 -0.37 -21.81 -8.88
N ALA A 36 0.75 -22.50 -8.68
CA ALA A 36 1.17 -23.03 -7.39
C ALA A 36 2.67 -22.80 -7.28
N THR A 37 3.23 -22.91 -6.08
CA THR A 37 4.67 -22.66 -5.93
C THR A 37 5.57 -23.84 -6.27
N SER A 38 5.00 -25.01 -6.53
CA SER A 38 5.79 -26.18 -6.91
C SER A 38 5.21 -26.88 -8.14
N GLU A 39 6.05 -27.65 -8.83
N GLU A 39 6.05 -27.66 -8.82
CA GLU A 39 5.59 -28.44 -9.99
CA GLU A 39 5.60 -28.42 -9.98
C GLU A 39 4.50 -29.42 -9.57
C GLU A 39 4.52 -29.44 -9.59
N SER A 40 4.71 -30.07 -8.43
CA SER A 40 3.75 -31.00 -7.89
C SER A 40 2.38 -30.36 -7.66
N GLY A 41 2.40 -29.15 -7.10
CA GLY A 41 1.18 -28.38 -6.90
C GLY A 41 0.55 -28.01 -8.24
N ALA A 42 1.38 -27.62 -9.20
CA ALA A 42 0.91 -27.26 -10.55
C ALA A 42 0.24 -28.45 -11.24
N GLN A 43 0.82 -29.64 -11.10
CA GLN A 43 0.24 -30.84 -11.68
C GLN A 43 -1.13 -31.16 -11.09
N LYS A 44 -1.29 -30.97 -9.79
CA LYS A 44 -2.59 -31.14 -9.14
C LYS A 44 -3.63 -30.22 -9.76
N LEU A 45 -3.25 -28.98 -10.02
CA LEU A 45 -4.16 -28.00 -10.62
C LEU A 45 -4.57 -28.44 -12.03
N THR A 46 -3.58 -28.79 -12.83
CA THR A 46 -3.81 -29.35 -14.17
C THR A 46 -4.89 -30.45 -14.17
N ASP A 47 -4.77 -31.40 -13.24
CA ASP A 47 -5.70 -32.52 -13.16
C ASP A 47 -7.09 -32.07 -12.72
N SER A 48 -7.15 -31.16 -11.74
CA SER A 48 -8.41 -30.61 -11.25
C SER A 48 -9.18 -29.84 -12.32
N PHE A 49 -8.47 -29.07 -13.13
CA PHE A 49 -9.13 -28.27 -14.15
C PHE A 49 -9.51 -29.11 -15.37
N GLY A 50 -8.88 -30.27 -15.52
CA GLY A 50 -9.07 -31.11 -16.69
C GLY A 50 -8.70 -30.37 -17.95
N GLU A 51 -9.48 -30.56 -19.01
CA GLU A 51 -9.15 -29.98 -20.27
C GLU A 51 -9.66 -28.55 -20.44
N GLN A 52 -10.04 -27.90 -19.35
CA GLN A 52 -10.43 -26.51 -19.40
C GLN A 52 -9.53 -25.59 -18.58
N GLY A 53 -8.37 -26.08 -18.21
CA GLY A 53 -7.39 -25.26 -17.54
C GLY A 53 -6.03 -25.91 -17.46
N ALA A 54 -5.06 -25.19 -16.91
CA ALA A 54 -3.69 -25.66 -16.80
C ALA A 54 -3.12 -25.17 -15.47
N GLY A 55 -2.21 -25.95 -14.91
CA GLY A 55 -1.47 -25.55 -13.71
C GLY A 55 -0.03 -25.23 -14.08
N LEU A 56 0.48 -24.14 -13.51
CA LEU A 56 1.87 -23.74 -13.74
C LEU A 56 2.53 -23.36 -12.43
N ALA A 57 3.80 -23.75 -12.26
CA ALA A 57 4.55 -23.35 -11.08
C ALA A 57 5.01 -21.91 -11.23
N LEU A 58 4.81 -21.12 -10.18
CA LEU A 58 5.21 -19.72 -10.19
C LEU A 58 5.46 -19.23 -8.77
N ASP A 59 6.62 -18.62 -8.57
CA ASP A 59 6.90 -17.80 -7.40
C ASP A 59 6.80 -16.33 -7.84
N VAL A 60 5.77 -15.65 -7.35
CA VAL A 60 5.48 -14.29 -7.81
C VAL A 60 6.50 -13.26 -7.34
N ARG A 61 7.44 -13.67 -6.51
CA ARG A 61 8.55 -12.80 -6.12
C ARG A 61 9.54 -12.54 -7.25
N ASN A 62 9.50 -13.35 -8.31
CA ASN A 62 10.51 -13.33 -9.37
C ASN A 62 9.97 -12.87 -10.72
N LEU A 63 10.50 -11.74 -11.20
CA LEU A 63 10.09 -11.16 -12.46
C LEU A 63 10.32 -12.11 -13.62
N ASP A 64 11.42 -12.84 -13.59
CA ASP A 64 11.74 -13.75 -14.72
C ASP A 64 10.72 -14.88 -14.83
N GLU A 65 10.27 -15.37 -13.67
CA GLU A 65 9.19 -16.35 -13.63
C GLU A 65 7.84 -15.80 -14.12
N ILE A 66 7.50 -14.61 -13.67
CA ILE A 66 6.26 -13.95 -14.09
C ILE A 66 6.24 -13.81 -15.60
N GLU A 67 7.33 -13.30 -16.15
CA GLU A 67 7.46 -13.10 -17.59
C GLU A 67 7.39 -14.43 -18.35
N ALA A 68 8.07 -15.43 -17.84
CA ALA A 68 8.05 -16.78 -18.45
C ALA A 68 6.68 -17.42 -18.43
N VAL A 69 5.96 -17.30 -17.30
CA VAL A 69 4.62 -17.86 -17.17
C VAL A 69 3.64 -17.22 -18.14
N VAL A 70 3.61 -15.89 -18.18
CA VAL A 70 2.65 -15.23 -19.04
C VAL A 70 2.98 -15.53 -20.52
N SER A 71 4.28 -15.56 -20.85
CA SER A 71 4.69 -15.88 -22.24
C SER A 71 4.23 -17.29 -22.59
N HIS A 72 4.34 -18.22 -21.65
CA HIS A 72 3.90 -19.61 -21.85
C HIS A 72 2.41 -19.67 -22.12
N ILE A 73 1.65 -18.90 -21.35
CA ILE A 73 0.20 -18.87 -21.52
C ILE A 73 -0.16 -18.32 -22.89
N GLU A 74 0.49 -17.24 -23.27
CA GLU A 74 0.25 -16.59 -24.57
C GLU A 74 0.59 -17.53 -25.73
N GLN A 75 1.62 -18.33 -25.56
CA GLN A 75 2.09 -19.24 -26.64
C GLN A 75 1.31 -20.54 -26.73
N ASN A 76 0.55 -20.88 -25.69
CA ASN A 76 -0.18 -22.14 -25.65
C ASN A 76 -1.70 -22.04 -25.54
N TYR A 77 -2.20 -21.02 -24.83
CA TYR A 77 -3.62 -20.94 -24.51
C TYR A 77 -4.27 -19.68 -25.04
N GLY A 78 -3.56 -18.56 -24.95
CA GLY A 78 -4.11 -17.29 -25.40
C GLY A 78 -3.70 -16.16 -24.48
N PRO A 79 -4.11 -14.93 -24.84
CA PRO A 79 -3.72 -13.79 -24.00
C PRO A 79 -4.49 -13.79 -22.71
N VAL A 80 -3.83 -13.42 -21.63
CA VAL A 80 -4.52 -13.32 -20.35
C VAL A 80 -5.46 -12.13 -20.37
N LEU A 81 -6.76 -12.40 -20.36
CA LEU A 81 -7.77 -11.33 -20.39
C LEU A 81 -8.47 -11.12 -19.04
N VAL A 82 -8.33 -12.08 -18.14
CA VAL A 82 -8.77 -11.93 -16.72
C VAL A 82 -7.57 -12.31 -15.86
N LEU A 83 -7.09 -11.36 -15.05
CA LEU A 83 -5.98 -11.60 -14.14
C LEU A 83 -6.51 -11.47 -12.71
N VAL A 84 -6.39 -12.55 -11.94
CA VAL A 84 -6.77 -12.53 -10.53
C VAL A 84 -5.54 -12.68 -9.66
N ASN A 85 -5.13 -11.59 -9.03
CA ASN A 85 -3.97 -11.60 -8.14
C ASN A 85 -4.39 -12.04 -6.75
N ASN A 86 -4.17 -13.32 -6.45
CA ASN A 86 -4.61 -13.92 -5.20
C ASN A 86 -3.50 -14.49 -4.32
N ALA A 87 -2.39 -14.90 -4.93
CA ALA A 87 -1.32 -15.54 -4.21
C ALA A 87 -0.84 -14.65 -3.07
N GLY A 88 -0.59 -15.25 -1.92
CA GLY A 88 0.04 -14.49 -0.86
C GLY A 88 0.27 -15.26 0.41
N ILE A 89 1.03 -14.64 1.30
CA ILE A 89 1.29 -15.14 2.64
C ILE A 89 1.25 -13.96 3.61
N THR A 90 1.37 -14.24 4.89
CA THR A 90 1.58 -13.19 5.90
C THR A 90 2.86 -13.50 6.67
N LYS A 91 3.52 -12.44 7.15
CA LYS A 91 4.61 -12.55 8.10
C LYS A 91 4.34 -11.49 9.16
N ASP A 92 3.47 -11.84 10.12
CA ASP A 92 3.01 -10.90 11.11
C ASP A 92 4.04 -10.67 12.20
N ASN A 93 4.07 -9.46 12.73
CA ASN A 93 4.89 -9.13 13.89
C ASN A 93 4.58 -7.70 14.25
N LEU A 94 4.62 -7.38 15.53
CA LEU A 94 4.56 -5.99 15.92
C LEU A 94 5.81 -5.32 15.35
N LEU A 95 5.69 -4.02 15.06
CA LEU A 95 6.73 -3.33 14.30
C LEU A 95 8.11 -3.49 14.95
N LEU A 96 8.14 -3.49 16.28
CA LEU A 96 9.43 -3.58 16.98
C LEU A 96 10.12 -4.93 16.74
N ARG A 97 9.40 -5.91 16.23
CA ARG A 97 9.96 -7.20 15.85
C ARG A 97 9.79 -7.54 14.36
N MET A 98 9.43 -6.56 13.55
CA MET A 98 9.23 -6.78 12.12
C MET A 98 10.52 -6.47 11.37
N SER A 99 11.16 -7.54 10.89
CA SER A 99 12.45 -7.47 10.22
C SER A 99 12.37 -6.92 8.82
N GLU A 100 13.53 -6.54 8.30
CA GLU A 100 13.64 -6.11 6.91
C GLU A 100 13.06 -7.18 5.97
N ASP A 101 13.38 -8.46 6.21
CA ASP A 101 12.83 -9.58 5.38
CA ASP A 101 12.86 -9.53 5.37
C ASP A 101 11.33 -9.69 5.49
N ASP A 102 10.80 -9.60 6.72
CA ASP A 102 9.35 -9.68 6.98
C ASP A 102 8.65 -8.61 6.14
N TRP A 103 9.22 -7.40 6.16
CA TRP A 103 8.65 -6.30 5.38
C TRP A 103 8.76 -6.55 3.86
N ASP A 104 10.00 -6.77 3.40
CA ASP A 104 10.26 -6.85 1.96
C ASP A 104 9.54 -8.02 1.31
N ASP A 105 9.52 -9.16 1.98
CA ASP A 105 8.93 -10.34 1.37
C ASP A 105 7.42 -10.15 1.14
N ILE A 106 6.74 -9.54 2.10
CA ILE A 106 5.30 -9.27 2.00
C ILE A 106 4.98 -8.22 0.95
N LEU A 107 5.74 -7.13 0.92
CA LEU A 107 5.53 -6.11 -0.11
C LEU A 107 5.76 -6.68 -1.52
N ASN A 108 6.75 -7.55 -1.65
CA ASN A 108 7.12 -8.14 -2.95
C ASN A 108 6.06 -9.14 -3.42
N ILE A 109 5.63 -9.99 -2.52
CA ILE A 109 4.66 -11.05 -2.84
C ILE A 109 3.30 -10.49 -3.19
N HIS A 110 2.92 -9.39 -2.52
CA HIS A 110 1.59 -8.79 -2.71
C HIS A 110 1.63 -7.65 -3.69
N LEU A 111 2.25 -6.53 -3.31
CA LEU A 111 2.14 -5.33 -4.10
C LEU A 111 3.03 -5.35 -5.36
N LYS A 112 4.30 -5.74 -5.21
CA LYS A 112 5.19 -5.79 -6.39
C LYS A 112 4.65 -6.78 -7.45
N ALA A 113 4.15 -7.93 -6.99
CA ALA A 113 3.58 -8.91 -7.91
C ALA A 113 2.38 -8.36 -8.70
N VAL A 114 1.52 -7.59 -8.03
CA VAL A 114 0.39 -6.96 -8.71
C VAL A 114 0.88 -6.00 -9.79
N TYR A 115 1.87 -5.18 -9.45
CA TYR A 115 2.48 -4.26 -10.41
C TYR A 115 3.07 -5.04 -11.61
N ARG A 116 3.83 -6.08 -11.31
CA ARG A 116 4.53 -6.84 -12.34
C ARG A 116 3.58 -7.60 -13.26
N LEU A 117 2.63 -8.32 -12.67
CA LEU A 117 1.66 -9.08 -13.46
C LEU A 117 0.71 -8.17 -14.23
N SER A 118 0.21 -7.11 -13.58
CA SER A 118 -0.67 -6.17 -14.27
C SER A 118 0.05 -5.57 -15.50
N LYS A 119 1.31 -5.16 -15.32
CA LYS A 119 2.05 -4.52 -16.41
C LYS A 119 2.23 -5.50 -17.56
N ARG A 120 2.51 -6.75 -17.21
CA ARG A 120 2.81 -7.80 -18.20
C ARG A 120 1.61 -8.18 -19.05
N VAL A 121 0.39 -8.08 -18.48
CA VAL A 121 -0.82 -8.47 -19.24
C VAL A 121 -1.49 -7.32 -19.99
N LEU A 122 -1.06 -6.08 -19.80
CA LEU A 122 -1.79 -4.93 -20.38
C LEU A 122 -1.88 -4.96 -21.90
N LYS A 123 -0.78 -5.33 -22.54
CA LYS A 123 -0.71 -5.27 -24.03
C LYS A 123 -1.80 -6.15 -24.65
N GLY A 124 -1.96 -7.37 -24.15
CA GLY A 124 -2.96 -8.28 -24.68
C GLY A 124 -4.37 -7.78 -24.45
N MET A 125 -4.64 -7.25 -23.26
CA MET A 125 -5.94 -6.65 -22.98
C MET A 125 -6.22 -5.43 -23.87
N THR A 126 -5.20 -4.59 -24.06
CA THR A 126 -5.30 -3.41 -24.90
C THR A 126 -5.71 -3.83 -26.34
N LYS A 127 -5.04 -4.83 -26.90
CA LYS A 127 -5.37 -5.32 -28.24
C LYS A 127 -6.78 -5.87 -28.30
N ALA A 128 -7.19 -6.55 -27.24
CA ALA A 128 -8.55 -7.09 -27.18
C ALA A 128 -9.62 -6.03 -26.92
N ARG A 129 -9.23 -4.85 -26.42
CA ARG A 129 -10.19 -3.88 -25.88
C ARG A 129 -11.15 -4.58 -24.90
N PHE A 130 -10.58 -5.44 -24.08
CA PHE A 130 -11.32 -6.12 -23.01
C PHE A 130 -10.29 -6.54 -21.99
N GLY A 131 -10.61 -6.37 -20.70
CA GLY A 131 -9.74 -6.88 -19.69
C GLY A 131 -10.37 -6.73 -18.32
N ARG A 132 -10.02 -7.66 -17.44
CA ARG A 132 -10.39 -7.61 -16.03
C ARG A 132 -9.15 -7.91 -15.21
N ILE A 133 -8.73 -6.96 -14.39
CA ILE A 133 -7.73 -7.21 -13.40
C ILE A 133 -8.47 -7.15 -12.07
N ILE A 134 -8.37 -8.22 -11.30
CA ILE A 134 -9.11 -8.34 -10.04
C ILE A 134 -8.13 -8.73 -8.97
N ASN A 135 -7.89 -7.80 -8.05
CA ASN A 135 -6.91 -8.00 -6.99
C ASN A 135 -7.59 -8.37 -5.70
N ILE A 136 -7.08 -9.41 -5.03
CA ILE A 136 -7.65 -9.82 -3.76
C ILE A 136 -6.93 -9.00 -2.69
N SER A 137 -7.70 -8.17 -2.01
CA SER A 137 -7.17 -7.31 -0.97
C SER A 137 -7.52 -7.94 0.38
N SER A 138 -7.91 -7.11 1.35
CA SER A 138 -8.29 -7.62 2.68
C SER A 138 -9.03 -6.55 3.44
N VAL A 139 -9.96 -6.97 4.29
CA VAL A 139 -10.56 -6.05 5.25
C VAL A 139 -9.52 -5.27 6.06
N VAL A 140 -8.34 -5.87 6.24
CA VAL A 140 -7.25 -5.28 7.02
C VAL A 140 -6.60 -4.06 6.35
N ALA A 141 -6.87 -3.83 5.06
CA ALA A 141 -6.45 -2.60 4.39
C ALA A 141 -7.33 -1.40 4.80
N HIS A 142 -8.41 -1.68 5.51
CA HIS A 142 -9.41 -0.70 5.91
C HIS A 142 -9.53 -0.64 7.41
N PHE A 143 -9.69 -1.80 8.04
CA PHE A 143 -9.81 -1.91 9.48
C PHE A 143 -8.44 -2.29 10.04
N ALA A 144 -7.88 -1.37 10.81
CA ALA A 144 -6.55 -1.48 11.39
C ALA A 144 -6.33 -2.76 12.22
N ASN A 145 -5.27 -3.49 11.91
CA ASN A 145 -4.92 -4.66 12.69
C ASN A 145 -3.47 -4.60 13.18
N PRO A 146 -3.25 -4.52 14.51
CA PRO A 146 -1.84 -4.53 14.92
C PRO A 146 -1.13 -5.83 14.51
N GLY A 147 0.17 -5.76 14.26
CA GLY A 147 0.96 -6.90 13.87
C GLY A 147 1.01 -7.13 12.37
N GLN A 148 0.18 -6.41 11.61
CA GLN A 148 0.11 -6.58 10.16
C GLN A 148 0.39 -5.30 9.38
N ALA A 149 1.33 -4.48 9.87
CA ALA A 149 1.61 -3.23 9.18
C ALA A 149 2.14 -3.48 7.74
N ASN A 150 2.87 -4.56 7.54
CA ASN A 150 3.39 -4.90 6.22
C ASN A 150 2.29 -5.34 5.26
N TYR A 151 1.48 -6.28 5.71
CA TYR A 151 0.35 -6.79 4.93
C TYR A 151 -0.70 -5.70 4.63
N SER A 152 -1.02 -4.88 5.62
CA SER A 152 -1.98 -3.78 5.44
C SER A 152 -1.44 -2.76 4.46
N ALA A 153 -0.16 -2.38 4.59
CA ALA A 153 0.42 -1.44 3.65
C ALA A 153 0.39 -1.99 2.20
N ALA A 154 0.75 -3.25 2.02
CA ALA A 154 0.73 -3.87 0.71
C ALA A 154 -0.69 -3.89 0.11
N LYS A 155 -1.68 -4.31 0.89
CA LYS A 155 -3.04 -4.42 0.38
C LYS A 155 -3.64 -3.05 0.09
N ALA A 156 -3.40 -2.07 0.97
CA ALA A 156 -3.85 -0.70 0.69
C ALA A 156 -3.15 -0.12 -0.56
N GLY A 157 -1.86 -0.40 -0.71
CA GLY A 157 -1.10 -0.02 -1.88
C GLY A 157 -1.68 -0.59 -3.16
N ILE A 158 -2.10 -1.85 -3.09
CA ILE A 158 -2.74 -2.54 -4.23
C ILE A 158 -4.02 -1.83 -4.62
N GLU A 159 -4.82 -1.43 -3.63
CA GLU A 159 -6.05 -0.71 -3.95
C GLU A 159 -5.81 0.64 -4.62
N ALA A 160 -4.82 1.39 -4.14
CA ALA A 160 -4.47 2.67 -4.78
C ALA A 160 -3.87 2.50 -6.18
N PHE A 161 -3.01 1.50 -6.32
CA PHE A 161 -2.46 1.08 -7.63
C PHE A 161 -3.62 0.82 -8.58
N SER A 162 -4.63 0.09 -8.09
CA SER A 162 -5.77 -0.31 -8.93
C SER A 162 -6.54 0.92 -9.43
N ARG A 163 -6.70 1.93 -8.57
CA ARG A 163 -7.37 3.16 -8.97
C ARG A 163 -6.59 3.88 -10.07
N SER A 164 -5.29 4.01 -9.92
CA SER A 164 -4.47 4.68 -10.94
C SER A 164 -4.53 3.95 -12.25
N LEU A 165 -4.41 2.62 -12.20
CA LEU A 165 -4.45 1.83 -13.41
C LEU A 165 -5.81 1.90 -14.07
N ALA A 166 -6.88 1.90 -13.27
CA ALA A 166 -8.23 2.01 -13.79
C ALA A 166 -8.41 3.30 -14.58
N LYS A 167 -7.86 4.40 -14.07
CA LYS A 167 -7.89 5.67 -14.81
C LYS A 167 -7.13 5.55 -16.13
N GLU A 168 -5.96 4.92 -16.10
CA GLU A 168 -5.12 4.81 -17.30
C GLU A 168 -5.75 3.94 -18.38
N MET A 169 -6.38 2.84 -17.99
CA MET A 169 -6.83 1.81 -18.94
C MET A 169 -8.31 1.83 -19.30
N GLY A 170 -9.07 2.69 -18.64
CA GLY A 170 -10.52 2.71 -18.81
C GLY A 170 -10.96 2.97 -20.25
N SER A 171 -10.20 3.79 -20.98
CA SER A 171 -10.60 4.07 -22.35
C SER A 171 -10.44 2.84 -23.25
N ARG A 172 -9.64 1.86 -22.83
CA ARG A 172 -9.53 0.57 -23.53
C ARG A 172 -10.54 -0.49 -23.04
N GLN A 173 -11.51 -0.08 -22.21
CA GLN A 173 -12.53 -0.98 -21.65
C GLN A 173 -11.91 -2.13 -20.82
N ILE A 174 -10.86 -1.78 -20.10
CA ILE A 174 -10.25 -2.68 -19.15
C ILE A 174 -10.64 -2.12 -17.80
N THR A 175 -11.24 -2.98 -16.96
CA THR A 175 -11.56 -2.63 -15.58
C THR A 175 -10.54 -3.21 -14.60
N VAL A 176 -10.32 -2.48 -13.51
CA VAL A 176 -9.34 -2.85 -12.50
C VAL A 176 -10.03 -2.62 -11.14
N ASN A 177 -10.20 -3.71 -10.39
CA ASN A 177 -10.98 -3.68 -9.15
C ASN A 177 -10.30 -4.57 -8.11
N SER A 178 -10.70 -4.38 -6.87
CA SER A 178 -10.25 -5.25 -5.77
C SER A 178 -11.45 -5.86 -5.04
N VAL A 179 -11.24 -7.04 -4.46
CA VAL A 179 -12.23 -7.69 -3.61
C VAL A 179 -11.57 -7.83 -2.25
N ALA A 180 -12.25 -7.35 -1.19
CA ALA A 180 -11.65 -7.34 0.15
C ALA A 180 -12.41 -8.34 1.01
N PRO A 181 -11.85 -9.55 1.19
CA PRO A 181 -12.51 -10.53 2.05
C PRO A 181 -12.41 -10.15 3.52
N GLY A 182 -13.41 -10.56 4.29
CA GLY A 182 -13.35 -10.53 5.74
C GLY A 182 -12.92 -11.88 6.28
N PHE A 183 -13.63 -12.36 7.29
CA PHE A 183 -13.43 -13.67 7.88
C PHE A 183 -14.00 -14.75 6.99
N ILE A 184 -13.12 -15.39 6.22
CA ILE A 184 -13.50 -16.49 5.35
C ILE A 184 -12.95 -17.80 5.90
N ALA A 185 -13.80 -18.82 5.95
CA ALA A 185 -13.40 -20.12 6.47
C ALA A 185 -12.38 -20.76 5.53
N THR A 186 -11.17 -20.97 6.04
CA THR A 186 -10.03 -21.48 5.29
C THR A 186 -9.23 -22.40 6.22
N GLU A 187 -8.12 -22.91 5.71
CA GLU A 187 -7.19 -23.75 6.47
C GLU A 187 -6.81 -23.10 7.79
N MET A 188 -6.55 -21.79 7.72
CA MET A 188 -6.11 -21.01 8.86
C MET A 188 -7.20 -20.90 9.92
N THR A 189 -8.43 -20.58 9.55
CA THR A 189 -9.53 -20.52 10.54
C THR A 189 -9.89 -21.91 11.05
N ASP A 190 -9.77 -22.92 10.19
CA ASP A 190 -9.93 -24.32 10.63
C ASP A 190 -8.97 -24.66 11.78
N ALA A 191 -7.77 -24.12 11.72
CA ALA A 191 -6.75 -24.34 12.76
C ALA A 191 -7.08 -23.63 14.09
N LEU A 192 -7.99 -22.66 14.06
CA LEU A 192 -8.42 -21.97 15.28
C LEU A 192 -9.42 -22.81 16.03
N SER A 193 -9.69 -22.43 17.28
CA SER A 193 -10.64 -23.19 18.09
C SER A 193 -12.08 -22.80 17.76
N GLU A 194 -13.00 -23.66 18.15
CA GLU A 194 -14.42 -23.37 18.04
C GLU A 194 -14.76 -22.07 18.78
N ASP A 195 -14.23 -21.88 19.99
CA ASP A 195 -14.47 -20.66 20.76
C ASP A 195 -14.05 -19.39 20.01
N ILE A 196 -12.88 -19.45 19.38
CA ILE A 196 -12.36 -18.28 18.67
C ILE A 196 -13.15 -18.05 17.38
N ARG A 197 -13.56 -19.12 16.70
CA ARG A 197 -14.45 -18.95 15.54
C ARG A 197 -15.80 -18.32 15.93
N LYS A 198 -16.29 -18.66 17.11
CA LYS A 198 -17.53 -18.05 17.61
C LYS A 198 -17.33 -16.56 17.93
N LYS A 199 -16.18 -16.21 18.50
CA LYS A 199 -15.88 -14.80 18.76
C LYS A 199 -15.81 -14.03 17.44
N MET A 200 -15.25 -14.66 16.41
CA MET A 200 -15.14 -14.03 15.10
C MET A 200 -16.54 -13.83 14.53
N SER A 201 -17.34 -14.88 14.56
CA SER A 201 -18.65 -14.82 13.91
C SER A 201 -19.60 -13.85 14.63
N ASP A 202 -19.42 -13.68 15.94
CA ASP A 202 -20.19 -12.68 16.71
C ASP A 202 -19.92 -11.23 16.26
N GLN A 203 -18.75 -10.95 15.68
CA GLN A 203 -18.43 -9.62 15.14
C GLN A 203 -18.96 -9.36 13.74
N VAL A 204 -19.42 -10.41 13.08
CA VAL A 204 -19.88 -10.32 11.70
C VAL A 204 -21.37 -10.05 11.81
N ALA A 205 -21.89 -9.08 11.09
CA ALA A 205 -23.33 -8.79 11.16
C ALA A 205 -24.15 -10.03 10.81
N LEU A 206 -23.71 -10.79 9.79
CA LEU A 206 -24.42 -12.01 9.38
C LEU A 206 -24.19 -13.24 10.28
N ASN A 207 -23.33 -13.09 11.29
CA ASN A 207 -23.26 -14.06 12.38
C ASN A 207 -22.67 -15.40 11.97
N ARG A 208 -21.75 -15.38 11.01
CA ARG A 208 -21.11 -16.58 10.50
C ARG A 208 -19.84 -16.19 9.75
N LEU A 209 -18.90 -17.12 9.65
CA LEU A 209 -17.75 -16.97 8.77
C LEU A 209 -18.21 -17.17 7.33
N GLY A 210 -17.56 -16.47 6.42
CA GLY A 210 -17.86 -16.66 5.00
C GLY A 210 -17.17 -17.92 4.49
N GLU A 211 -17.38 -18.21 3.21
CA GLU A 211 -16.75 -19.36 2.56
C GLU A 211 -15.99 -18.89 1.34
N PRO A 212 -14.98 -19.67 0.91
CA PRO A 212 -14.27 -19.32 -0.33
C PRO A 212 -15.21 -19.01 -1.51
N GLN A 213 -16.31 -19.74 -1.63
CA GLN A 213 -17.26 -19.53 -2.73
C GLN A 213 -17.82 -18.10 -2.73
N ASP A 214 -17.95 -17.48 -1.56
CA ASP A 214 -18.46 -16.10 -1.48
C ASP A 214 -17.49 -15.16 -2.20
N ILE A 215 -16.18 -15.38 -2.04
CA ILE A 215 -15.16 -14.56 -2.72
C ILE A 215 -15.13 -14.89 -4.23
N ALA A 216 -15.23 -16.17 -4.57
CA ALA A 216 -15.36 -16.60 -5.97
C ALA A 216 -16.55 -15.95 -6.65
N ASN A 217 -17.68 -15.84 -5.96
CA ASN A 217 -18.88 -15.23 -6.51
C ASN A 217 -18.66 -13.76 -6.84
N ALA A 218 -17.98 -13.06 -5.95
CA ALA A 218 -17.65 -11.66 -6.20
C ALA A 218 -16.71 -11.46 -7.39
N VAL A 219 -15.64 -12.26 -7.45
CA VAL A 219 -14.70 -12.25 -8.54
C VAL A 219 -15.41 -12.57 -9.86
N SER A 220 -16.26 -13.59 -9.84
CA SER A 220 -17.08 -13.99 -10.98
C SER A 220 -17.92 -12.84 -11.50
N PHE A 221 -18.59 -12.15 -10.59
CA PHE A 221 -19.38 -10.97 -10.95
C PHE A 221 -18.52 -9.92 -11.63
N LEU A 222 -17.40 -9.57 -11.02
CA LEU A 222 -16.54 -8.52 -11.54
C LEU A 222 -15.93 -8.89 -12.90
N ALA A 223 -15.66 -10.17 -13.11
CA ALA A 223 -15.08 -10.63 -14.36
C ALA A 223 -16.10 -10.74 -15.49
N SER A 224 -17.38 -10.56 -15.16
CA SER A 224 -18.46 -10.75 -16.12
C SER A 224 -18.90 -9.45 -16.81
N ASP A 225 -19.76 -9.63 -17.82
CA ASP A 225 -20.43 -8.49 -18.49
C ASP A 225 -21.41 -7.73 -17.58
N LYS A 226 -21.79 -8.33 -16.46
CA LYS A 226 -22.67 -7.66 -15.51
C LYS A 226 -21.95 -6.58 -14.73
N ALA A 227 -20.62 -6.49 -14.87
CA ALA A 227 -19.82 -5.52 -14.12
C ALA A 227 -18.94 -4.64 -15.01
N GLY A 228 -19.31 -4.51 -16.29
CA GLY A 228 -18.55 -3.71 -17.21
C GLY A 228 -18.49 -2.20 -16.96
N TYR A 229 -19.36 -1.67 -16.12
CA TYR A 229 -19.31 -0.24 -15.77
C TYR A 229 -18.79 -0.02 -14.33
N ILE A 230 -18.17 -1.05 -13.76
CA ILE A 230 -17.53 -0.99 -12.45
C ILE A 230 -16.01 -1.04 -12.58
N THR A 231 -15.33 0.04 -12.21
CA THR A 231 -13.88 0.04 -12.22
C THR A 231 -13.32 0.96 -11.12
N GLY A 232 -12.13 0.61 -10.64
CA GLY A 232 -11.44 1.33 -9.59
C GLY A 232 -12.10 1.20 -8.21
N THR A 233 -12.89 0.16 -7.99
CA THR A 233 -13.59 0.00 -6.71
C THR A 233 -13.01 -1.13 -5.85
N VAL A 234 -13.42 -1.13 -4.59
CA VAL A 234 -13.19 -2.26 -3.69
C VAL A 234 -14.55 -2.83 -3.39
N LEU A 235 -14.72 -4.12 -3.67
CA LEU A 235 -15.92 -4.84 -3.36
C LEU A 235 -15.68 -5.59 -2.04
N HIS A 236 -16.34 -5.13 -0.98
CA HIS A 236 -16.17 -5.72 0.36
C HIS A 236 -17.06 -6.92 0.51
N VAL A 237 -16.47 -8.05 0.90
CA VAL A 237 -17.20 -9.30 1.10
C VAL A 237 -16.81 -9.83 2.48
N ASN A 238 -17.47 -9.30 3.50
CA ASN A 238 -17.05 -9.53 4.89
C ASN A 238 -18.25 -9.74 5.83
N GLY A 239 -19.45 -9.90 5.28
CA GLY A 239 -20.62 -10.17 6.11
C GLY A 239 -21.02 -9.05 7.07
N GLY A 240 -20.56 -7.83 6.81
CA GLY A 240 -20.83 -6.70 7.64
C GLY A 240 -19.90 -6.63 8.84
N LEU A 241 -18.77 -7.35 8.79
CA LEU A 241 -17.67 -7.16 9.74
C LEU A 241 -17.18 -5.72 9.72
N TYR A 242 -17.08 -5.15 8.53
CA TYR A 242 -16.61 -3.80 8.30
C TYR A 242 -17.48 -3.18 7.21
N MET A 243 -18.08 -2.03 7.49
CA MET A 243 -19.02 -1.43 6.54
C MET A 243 -18.57 -0.07 6.00
N ALA A 244 -18.52 0.07 4.69
CA ALA A 244 -18.24 1.37 4.06
C ALA A 244 -19.05 1.64 2.78
N GLU B 4 17.05 19.54 26.97
CA GLU B 4 16.32 20.76 26.85
C GLU B 4 14.93 20.51 26.22
N ARG B 5 14.76 20.90 24.96
CA ARG B 5 13.48 20.73 24.32
C ARG B 5 13.29 19.28 23.89
N LYS B 6 12.07 18.88 23.57
CA LYS B 6 11.87 17.60 22.91
C LYS B 6 12.43 17.70 21.49
N VAL B 7 12.99 16.61 21.00
CA VAL B 7 13.55 16.59 19.65
C VAL B 7 12.53 16.13 18.60
N ALA B 8 12.43 16.90 17.52
CA ALA B 8 11.72 16.50 16.32
C ALA B 8 12.71 16.21 15.21
N LEU B 9 12.45 15.15 14.44
CA LEU B 9 13.21 14.88 13.22
C LEU B 9 12.29 15.13 12.04
N VAL B 10 12.68 16.01 11.13
CA VAL B 10 11.94 16.27 9.91
C VAL B 10 12.80 15.90 8.72
N THR B 11 12.41 14.88 7.96
CA THR B 11 13.19 14.48 6.78
C THR B 11 12.84 15.39 5.60
N GLY B 12 13.84 15.74 4.79
CA GLY B 12 13.62 16.59 3.63
C GLY B 12 13.23 18.00 3.99
N ALA B 13 14.02 18.62 4.89
CA ALA B 13 13.68 19.94 5.41
C ALA B 13 14.33 21.11 4.64
N SER B 14 15.02 20.79 3.55
CA SER B 14 15.78 21.76 2.77
C SER B 14 14.91 22.83 2.18
N ARG B 15 13.74 22.45 1.68
CA ARG B 15 12.87 23.38 0.96
C ARG B 15 11.41 22.93 1.03
N GLY B 16 10.53 23.76 0.50
CA GLY B 16 9.13 23.42 0.32
C GLY B 16 8.41 23.13 1.62
N ILE B 17 7.63 22.06 1.59
CA ILE B 17 6.85 21.66 2.74
C ILE B 17 7.71 21.34 3.96
N GLY B 18 8.77 20.55 3.79
CA GLY B 18 9.63 20.18 4.91
C GLY B 18 10.25 21.37 5.64
N ALA B 19 10.67 22.38 4.88
CA ALA B 19 11.27 23.59 5.46
C ALA B 19 10.26 24.36 6.30
N ALA B 20 9.03 24.46 5.81
CA ALA B 20 7.97 25.14 6.55
C ALA B 20 7.64 24.36 7.81
N ILE B 21 7.59 23.04 7.71
CA ILE B 21 7.34 22.21 8.89
C ILE B 21 8.43 22.40 9.94
N ALA B 22 9.68 22.32 9.51
CA ALA B 22 10.78 22.43 10.44
C ALA B 22 10.75 23.79 11.14
N GLN B 23 10.55 24.86 10.39
CA GLN B 23 10.54 26.20 11.00
C GLN B 23 9.37 26.33 11.97
N GLN B 24 8.21 25.78 11.61
CA GLN B 24 7.05 25.86 12.50
C GLN B 24 7.26 25.10 13.80
N LEU B 25 7.84 23.92 13.73
CA LEU B 25 8.07 23.12 14.93
C LEU B 25 9.09 23.81 15.84
N ILE B 26 10.04 24.54 15.26
CA ILE B 26 10.96 25.36 16.03
C ILE B 26 10.18 26.43 16.80
N GLN B 27 9.28 27.14 16.10
CA GLN B 27 8.45 28.17 16.72
C GLN B 27 7.57 27.57 17.81
N ASP B 28 7.11 26.33 17.59
CA ASP B 28 6.31 25.63 18.60
C ASP B 28 7.09 25.24 19.86
N GLY B 29 8.41 25.17 19.78
CA GLY B 29 9.22 24.85 20.96
C GLY B 29 10.01 23.56 20.90
N TYR B 30 9.97 22.87 19.76
CA TYR B 30 10.80 21.69 19.57
C TYR B 30 12.22 22.08 19.16
N PHE B 31 13.16 21.22 19.51
CA PHE B 31 14.51 21.26 18.91
C PHE B 31 14.41 20.43 17.64
N VAL B 32 14.55 21.07 16.48
CA VAL B 32 14.33 20.38 15.21
C VAL B 32 15.62 19.93 14.51
N VAL B 33 15.75 18.62 14.30
CA VAL B 33 16.77 18.08 13.41
C VAL B 33 16.14 17.91 12.04
N GLY B 34 16.66 18.66 11.06
CA GLY B 34 16.18 18.63 9.68
C GLY B 34 17.21 17.92 8.83
N THR B 35 16.75 17.27 7.75
CA THR B 35 17.68 16.55 6.89
C THR B 35 17.67 17.03 5.46
N ALA B 36 18.83 16.86 4.82
CA ALA B 36 19.05 17.14 3.40
C ALA B 36 19.82 15.97 2.79
N THR B 37 19.78 15.82 1.48
CA THR B 37 20.53 14.77 0.79
C THR B 37 22.02 15.09 0.61
N SER B 38 22.45 16.33 0.89
CA SER B 38 23.87 16.69 0.81
C SER B 38 24.39 17.32 2.10
N GLU B 39 25.71 17.29 2.25
CA GLU B 39 26.37 17.84 3.42
C GLU B 39 26.23 19.36 3.41
N SER B 40 26.27 19.92 2.21
CA SER B 40 26.10 21.34 1.98
C SER B 40 24.68 21.80 2.38
N GLY B 41 23.68 21.05 1.94
CA GLY B 41 22.29 21.30 2.35
C GLY B 41 22.10 21.17 3.85
N ALA B 42 22.75 20.17 4.45
CA ALA B 42 22.70 19.97 5.89
C ALA B 42 23.32 21.15 6.66
N GLN B 43 24.40 21.72 6.15
CA GLN B 43 25.02 22.90 6.77
C GLN B 43 24.08 24.11 6.72
N LYS B 44 23.42 24.32 5.58
CA LYS B 44 22.45 25.42 5.44
C LYS B 44 21.35 25.34 6.49
N LEU B 45 20.92 24.12 6.81
CA LEU B 45 19.89 23.93 7.83
C LEU B 45 20.42 24.28 9.21
N THR B 46 21.61 23.77 9.53
CA THR B 46 22.26 24.09 10.79
C THR B 46 22.35 25.60 10.96
N ASP B 47 22.66 26.31 9.87
CA ASP B 47 22.77 27.77 9.91
C ASP B 47 21.41 28.46 10.03
N SER B 48 20.39 27.98 9.32
CA SER B 48 19.03 28.52 9.49
C SER B 48 18.50 28.32 10.91
N PHE B 49 18.67 27.12 11.45
CA PHE B 49 18.05 26.77 12.74
C PHE B 49 18.79 27.37 13.92
N GLY B 50 20.09 27.61 13.77
CA GLY B 50 20.91 28.12 14.86
C GLY B 50 20.81 27.25 16.10
N GLU B 51 20.49 27.89 17.22
CA GLU B 51 20.43 27.23 18.52
C GLU B 51 19.26 26.26 18.70
N GLN B 52 18.20 26.41 17.92
CA GLN B 52 16.98 25.59 18.09
C GLN B 52 16.90 24.39 17.12
N GLY B 53 17.99 24.05 16.47
CA GLY B 53 18.01 22.90 15.57
C GLY B 53 19.36 22.52 15.02
N ALA B 54 19.38 21.44 14.26
CA ALA B 54 20.59 20.96 13.60
C ALA B 54 20.21 20.40 12.25
N GLY B 55 21.17 20.42 11.33
CA GLY B 55 21.01 19.81 10.02
C GLY B 55 21.88 18.58 9.90
N LEU B 56 21.36 17.51 9.28
CA LEU B 56 22.15 16.30 9.01
C LEU B 56 21.90 15.82 7.59
N ALA B 57 22.93 15.28 6.96
CA ALA B 57 22.77 14.69 5.64
C ALA B 57 22.14 13.31 5.80
N LEU B 58 21.15 13.01 4.98
CA LEU B 58 20.47 11.71 5.01
C LEU B 58 19.84 11.39 3.65
N ASP B 59 20.13 10.19 3.15
CA ASP B 59 19.39 9.60 2.05
C ASP B 59 18.52 8.50 2.65
N VAL B 60 17.21 8.72 2.68
CA VAL B 60 16.29 7.80 3.39
C VAL B 60 16.17 6.44 2.70
N ARG B 61 16.79 6.28 1.53
CA ARG B 61 16.88 4.97 0.89
C ARG B 61 17.77 3.99 1.59
N ASN B 62 18.63 4.46 2.49
CA ASN B 62 19.68 3.64 3.07
C ASN B 62 19.54 3.42 4.56
N LEU B 63 19.39 2.15 4.94
CA LEU B 63 19.11 1.79 6.33
C LEU B 63 20.28 2.19 7.23
N ASP B 64 21.50 2.01 6.74
CA ASP B 64 22.69 2.34 7.52
C ASP B 64 22.72 3.82 7.91
N GLU B 65 22.32 4.69 6.98
CA GLU B 65 22.26 6.12 7.21
C GLU B 65 21.16 6.52 8.18
N ILE B 66 19.98 5.92 8.01
CA ILE B 66 18.89 6.08 8.96
C ILE B 66 19.33 5.73 10.37
N GLU B 67 19.97 4.57 10.54
CA GLU B 67 20.39 4.15 11.88
C GLU B 67 21.49 5.08 12.44
N ALA B 68 22.40 5.54 11.59
CA ALA B 68 23.48 6.45 12.02
C ALA B 68 22.92 7.82 12.42
N VAL B 69 21.95 8.30 11.65
CA VAL B 69 21.33 9.59 11.92
C VAL B 69 20.56 9.60 13.25
N VAL B 70 19.73 8.59 13.50
CA VAL B 70 18.98 8.56 14.75
C VAL B 70 19.93 8.36 15.94
N SER B 71 20.94 7.52 15.78
CA SER B 71 21.92 7.28 16.84
C SER B 71 22.62 8.58 17.22
N HIS B 72 23.02 9.33 16.21
CA HIS B 72 23.66 10.63 16.38
C HIS B 72 22.78 11.58 17.16
N ILE B 73 21.51 11.70 16.73
CA ILE B 73 20.53 12.52 17.45
C ILE B 73 20.40 12.07 18.90
N GLU B 74 20.30 10.77 19.15
CA GLU B 74 20.15 10.27 20.52
C GLU B 74 21.39 10.59 21.38
N GLN B 75 22.57 10.49 20.78
CA GLN B 75 23.82 10.78 21.49
C GLN B 75 23.97 12.26 21.81
N ASN B 76 23.53 13.12 20.89
CA ASN B 76 23.85 14.53 20.96
C ASN B 76 22.72 15.44 21.44
N TYR B 77 21.47 15.08 21.16
CA TYR B 77 20.32 15.97 21.42
C TYR B 77 19.24 15.36 22.31
N GLY B 78 18.97 14.08 22.15
CA GLY B 78 17.96 13.39 22.94
C GLY B 78 17.15 12.47 22.04
N PRO B 79 16.23 11.70 22.63
CA PRO B 79 15.40 10.81 21.82
C PRO B 79 14.48 11.58 20.83
N VAL B 80 14.26 10.99 19.65
CA VAL B 80 13.34 11.55 18.68
C VAL B 80 11.92 11.31 19.18
N LEU B 81 11.22 12.35 19.58
CA LEU B 81 9.85 12.20 20.08
C LEU B 81 8.79 12.68 19.08
N VAL B 82 9.21 13.39 18.04
CA VAL B 82 8.32 13.75 16.94
C VAL B 82 9.06 13.40 15.65
N LEU B 83 8.48 12.50 14.86
CA LEU B 83 9.09 12.10 13.59
C LEU B 83 8.15 12.54 12.48
N VAL B 84 8.65 13.35 11.55
CA VAL B 84 7.86 13.77 10.41
C VAL B 84 8.52 13.21 9.17
N ASN B 85 7.86 12.23 8.54
CA ASN B 85 8.35 11.61 7.32
C ASN B 85 7.86 12.38 6.13
N ASN B 86 8.72 13.24 5.60
CA ASN B 86 8.35 14.19 4.53
C ASN B 86 9.15 14.03 3.23
N ALA B 87 10.40 13.62 3.34
CA ALA B 87 11.28 13.43 2.18
C ALA B 87 10.60 12.64 1.09
N GLY B 88 10.65 13.14 -0.13
CA GLY B 88 10.09 12.40 -1.25
C GLY B 88 10.45 12.96 -2.60
N ILE B 89 10.25 12.13 -3.62
CA ILE B 89 10.34 12.53 -5.01
C ILE B 89 9.22 11.81 -5.77
N THR B 90 9.05 12.19 -7.03
CA THR B 90 8.15 11.47 -7.93
C THR B 90 8.94 10.93 -9.12
N LYS B 91 8.45 9.82 -9.67
CA LYS B 91 8.93 9.28 -10.94
C LYS B 91 7.72 8.74 -11.66
N ASP B 92 6.95 9.66 -12.24
CA ASP B 92 5.65 9.35 -12.81
C ASP B 92 5.84 8.73 -14.18
N ASN B 93 4.95 7.81 -14.52
CA ASN B 93 4.87 7.24 -15.86
C ASN B 93 3.62 6.41 -15.93
N LEU B 94 3.04 6.34 -17.11
CA LEU B 94 1.97 5.38 -17.35
C LEU B 94 2.54 3.99 -17.06
N LEU B 95 1.73 3.08 -16.53
CA LEU B 95 2.23 1.76 -16.13
C LEU B 95 3.04 1.08 -17.24
N LEU B 96 2.60 1.20 -18.48
CA LEU B 96 3.33 0.59 -19.60
C LEU B 96 4.75 1.13 -19.78
N ARG B 97 5.02 2.34 -19.30
CA ARG B 97 6.37 2.89 -19.33
C ARG B 97 7.02 2.97 -17.95
N MET B 98 6.47 2.29 -16.94
CA MET B 98 7.03 2.39 -15.58
C MET B 98 8.00 1.24 -15.31
N SER B 99 9.29 1.57 -15.26
CA SER B 99 10.33 0.58 -15.06
C SER B 99 10.35 0.06 -13.64
N GLU B 100 11.02 -1.06 -13.45
CA GLU B 100 11.25 -1.61 -12.12
C GLU B 100 11.93 -0.62 -11.19
N ASP B 101 12.94 0.09 -11.71
CA ASP B 101 13.68 1.09 -10.92
C ASP B 101 12.78 2.26 -10.51
N ASP B 102 11.96 2.74 -11.44
CA ASP B 102 11.04 3.81 -11.13
C ASP B 102 10.00 3.36 -10.07
N TRP B 103 9.57 2.10 -10.12
CA TRP B 103 8.67 1.58 -9.10
C TRP B 103 9.39 1.50 -7.76
N ASP B 104 10.51 0.78 -7.75
CA ASP B 104 11.24 0.49 -6.53
C ASP B 104 11.73 1.72 -5.81
N ASP B 105 12.26 2.69 -6.55
CA ASP B 105 12.84 3.87 -5.91
C ASP B 105 11.78 4.66 -5.16
N ILE B 106 10.60 4.82 -5.75
CA ILE B 106 9.49 5.50 -5.11
C ILE B 106 8.99 4.74 -3.90
N LEU B 107 8.80 3.43 -4.03
CA LEU B 107 8.40 2.62 -2.86
C LEU B 107 9.43 2.72 -1.72
N ASN B 108 10.71 2.75 -2.07
CA ASN B 108 11.77 2.78 -1.06
C ASN B 108 11.84 4.13 -0.34
N ILE B 109 11.80 5.22 -1.11
CA ILE B 109 11.95 6.56 -0.53
C ILE B 109 10.74 6.93 0.32
N HIS B 110 9.56 6.53 -0.12
CA HIS B 110 8.33 6.89 0.56
C HIS B 110 7.95 5.88 1.64
N LEU B 111 7.56 4.69 1.23
CA LEU B 111 7.00 3.72 2.17
C LEU B 111 8.05 3.01 3.01
N LYS B 112 9.10 2.50 2.38
CA LYS B 112 10.12 1.77 3.16
C LYS B 112 10.77 2.68 4.21
N ALA B 113 11.00 3.94 3.86
CA ALA B 113 11.61 4.89 4.78
C ALA B 113 10.72 5.11 6.00
N VAL B 114 9.41 5.18 5.78
CA VAL B 114 8.44 5.32 6.87
C VAL B 114 8.49 4.11 7.79
N TYR B 115 8.50 2.91 7.22
CA TYR B 115 8.71 1.69 8.02
C TYR B 115 10.02 1.78 8.83
N ARG B 116 11.10 2.11 8.15
CA ARG B 116 12.43 2.06 8.77
C ARG B 116 12.59 3.09 9.90
N LEU B 117 12.22 4.33 9.61
CA LEU B 117 12.39 5.41 10.59
C LEU B 117 11.42 5.23 11.76
N SER B 118 10.18 4.84 11.47
CA SER B 118 9.21 4.61 12.53
C SER B 118 9.71 3.56 13.48
N LYS B 119 10.18 2.43 12.93
CA LYS B 119 10.70 1.33 13.73
C LYS B 119 11.87 1.80 14.64
N ARG B 120 12.73 2.61 14.07
CA ARG B 120 13.95 3.02 14.78
C ARG B 120 13.66 3.98 15.93
N VAL B 121 12.59 4.78 15.83
CA VAL B 121 12.24 5.74 16.92
C VAL B 121 11.31 5.22 18.02
N LEU B 122 10.78 4.00 17.86
CA LEU B 122 9.77 3.50 18.80
C LEU B 122 10.25 3.39 20.22
N LYS B 123 11.47 2.92 20.42
CA LYS B 123 11.98 2.67 21.77
C LYS B 123 11.98 3.94 22.61
N GLY B 124 12.50 5.04 22.08
CA GLY B 124 12.54 6.30 22.82
C GLY B 124 11.17 6.84 23.16
N MET B 125 10.25 6.76 22.20
CA MET B 125 8.87 7.19 22.43
C MET B 125 8.17 6.32 23.47
N THR B 126 8.37 5.01 23.40
CA THR B 126 7.82 4.06 24.35
C THR B 126 8.31 4.36 25.78
N LYS B 127 9.61 4.58 25.93
CA LYS B 127 10.18 4.96 27.24
C LYS B 127 9.58 6.26 27.75
N ALA B 128 9.43 7.25 26.87
CA ALA B 128 8.83 8.53 27.23
C ALA B 128 7.32 8.49 27.49
N ARG B 129 6.64 7.46 26.99
CA ARG B 129 5.19 7.43 26.97
C ARG B 129 4.65 8.72 26.35
N PHE B 130 5.32 9.12 25.27
CA PHE B 130 4.91 10.24 24.45
C PHE B 130 5.52 10.05 23.06
N GLY B 131 4.72 10.32 22.02
CA GLY B 131 5.30 10.35 20.68
C GLY B 131 4.32 10.84 19.65
N ARG B 132 4.87 11.42 18.58
CA ARG B 132 4.11 11.80 17.41
C ARG B 132 4.87 11.31 16.19
N ILE B 133 4.24 10.43 15.41
CA ILE B 133 4.73 10.09 14.09
C ILE B 133 3.71 10.69 13.14
N ILE B 134 4.19 11.57 12.26
CA ILE B 134 3.35 12.29 11.31
C ILE B 134 3.92 12.04 9.92
N ASN B 135 3.15 11.33 9.11
CA ASN B 135 3.60 10.95 7.78
C ASN B 135 2.94 11.81 6.72
N ILE B 136 3.74 12.33 5.80
CA ILE B 136 3.17 13.11 4.73
C ILE B 136 2.74 12.16 3.60
N SER B 137 1.44 12.15 3.36
CA SER B 137 0.81 11.36 2.33
C SER B 137 0.54 12.27 1.14
N SER B 138 -0.60 12.07 0.47
CA SER B 138 -0.99 12.89 -0.66
C SER B 138 -2.43 12.66 -0.98
N VAL B 139 -3.07 13.69 -1.49
CA VAL B 139 -4.41 13.56 -2.06
C VAL B 139 -4.52 12.47 -3.14
N VAL B 140 -3.45 12.20 -3.88
CA VAL B 140 -3.53 11.20 -4.95
C VAL B 140 -3.59 9.75 -4.47
N ALA B 141 -3.34 9.53 -3.18
CA ALA B 141 -3.66 8.26 -2.53
C ALA B 141 -5.16 8.02 -2.38
N HIS B 142 -5.96 9.05 -2.68
CA HIS B 142 -7.41 8.99 -2.58
C HIS B 142 -8.12 9.29 -3.89
N PHE B 143 -7.69 10.37 -4.52
CA PHE B 143 -8.21 10.86 -5.80
C PHE B 143 -7.13 10.49 -6.83
N ALA B 144 -7.37 9.42 -7.57
CA ALA B 144 -6.34 8.83 -8.40
C ALA B 144 -6.00 9.65 -9.64
N ASN B 145 -4.72 9.60 -9.99
CA ASN B 145 -4.14 10.30 -11.13
CA ASN B 145 -4.19 10.27 -11.16
C ASN B 145 -3.47 9.27 -12.05
N PRO B 146 -3.79 9.28 -13.37
CA PRO B 146 -3.00 8.38 -14.23
C PRO B 146 -1.52 8.76 -14.19
N GLY B 147 -0.63 7.77 -14.31
CA GLY B 147 0.80 8.05 -14.33
C GLY B 147 1.49 8.01 -12.97
N GLN B 148 0.71 7.89 -11.90
CA GLN B 148 1.25 7.93 -10.54
C GLN B 148 0.98 6.67 -9.72
N ALA B 149 0.93 5.53 -10.38
CA ALA B 149 0.63 4.27 -9.70
C ALA B 149 1.63 3.93 -8.60
N ASN B 150 2.91 4.23 -8.83
CA ASN B 150 3.95 3.98 -7.82
C ASN B 150 3.79 4.88 -6.60
N TYR B 151 3.67 6.17 -6.84
CA TYR B 151 3.53 7.17 -5.78
C TYR B 151 2.21 6.97 -4.98
N SER B 152 1.11 6.72 -5.69
N SER B 152 1.13 6.74 -5.71
CA SER B 152 -0.19 6.53 -5.05
CA SER B 152 -0.17 6.51 -5.11
C SER B 152 -0.18 5.25 -4.20
C SER B 152 -0.12 5.29 -4.19
N ALA B 153 0.46 4.20 -4.70
CA ALA B 153 0.57 2.95 -3.94
C ALA B 153 1.36 3.16 -2.63
N ALA B 154 2.47 3.87 -2.74
CA ALA B 154 3.32 4.14 -1.60
C ALA B 154 2.60 4.97 -0.56
N LYS B 155 1.97 6.05 -0.96
CA LYS B 155 1.28 6.93 0.00
C LYS B 155 0.08 6.25 0.65
N ALA B 156 -0.70 5.50 -0.12
CA ALA B 156 -1.78 4.71 0.46
C ALA B 156 -1.24 3.64 1.43
N GLY B 157 -0.12 3.02 1.07
CA GLY B 157 0.56 2.07 1.96
C GLY B 157 0.95 2.73 3.28
N ILE B 158 1.49 3.94 3.17
CA ILE B 158 1.89 4.71 4.36
C ILE B 158 0.70 4.92 5.29
N GLU B 159 -0.45 5.22 4.71
CA GLU B 159 -1.64 5.48 5.53
C GLU B 159 -2.11 4.23 6.28
N ALA B 160 -2.10 3.08 5.61
CA ALA B 160 -2.49 1.82 6.23
C ALA B 160 -1.46 1.37 7.29
N PHE B 161 -0.18 1.52 6.95
CA PHE B 161 0.92 1.35 7.91
C PHE B 161 0.63 2.12 9.19
N SER B 162 0.27 3.39 9.01
CA SER B 162 0.02 4.32 10.11
C SER B 162 -1.11 3.86 11.02
N ARG B 163 -2.19 3.36 10.43
CA ARG B 163 -3.30 2.79 11.19
C ARG B 163 -2.85 1.59 12.03
N SER B 164 -2.11 0.64 11.42
CA SER B 164 -1.62 -0.52 12.14
C SER B 164 -0.73 -0.11 13.31
N LEU B 165 0.20 0.79 13.06
CA LEU B 165 1.11 1.24 14.08
C LEU B 165 0.39 2.04 15.17
N ALA B 166 -0.61 2.83 14.78
CA ALA B 166 -1.41 3.57 15.76
C ALA B 166 -2.05 2.61 16.77
N LYS B 167 -2.58 1.49 16.29
CA LYS B 167 -3.14 0.46 17.18
C LYS B 167 -2.10 -0.18 18.08
N GLU B 168 -0.90 -0.42 17.54
CA GLU B 168 0.18 -1.00 18.33
C GLU B 168 0.67 -0.09 19.44
N MET B 169 0.79 1.20 19.15
CA MET B 169 1.49 2.14 20.05
C MET B 169 0.59 3.02 20.91
N GLY B 170 -0.71 2.98 20.66
CA GLY B 170 -1.63 3.89 21.32
C GLY B 170 -1.62 3.80 22.84
N SER B 171 -1.48 2.59 23.39
CA SER B 171 -1.52 2.50 24.85
C SER B 171 -0.36 3.26 25.52
N ARG B 172 0.75 3.41 24.80
CA ARG B 172 1.90 4.21 25.26
C ARG B 172 1.77 5.72 24.95
N GLN B 173 0.61 6.14 24.47
CA GLN B 173 0.30 7.55 24.19
C GLN B 173 1.16 8.10 23.05
N ILE B 174 1.43 7.24 22.08
CA ILE B 174 2.10 7.63 20.86
C ILE B 174 1.02 7.71 19.80
N THR B 175 0.88 8.84 19.12
CA THR B 175 -0.08 8.94 18.04
C THR B 175 0.64 8.83 16.71
N VAL B 176 -0.03 8.25 15.73
CA VAL B 176 0.52 8.06 14.40
C VAL B 176 -0.56 8.47 13.41
N ASN B 177 -0.26 9.48 12.59
CA ASN B 177 -1.24 10.11 11.70
C ASN B 177 -0.59 10.46 10.39
N SER B 178 -1.43 10.69 9.36
CA SER B 178 -0.93 11.17 8.06
C SER B 178 -1.54 12.54 7.77
N VAL B 179 -0.79 13.38 7.06
CA VAL B 179 -1.32 14.61 6.50
C VAL B 179 -1.25 14.45 4.99
N ALA B 180 -2.38 14.66 4.31
CA ALA B 180 -2.49 14.49 2.86
C ALA B 180 -2.66 15.86 2.20
N PRO B 181 -1.56 16.45 1.71
CA PRO B 181 -1.66 17.71 0.99
C PRO B 181 -2.36 17.57 -0.36
N GLY B 182 -3.03 18.64 -0.79
CA GLY B 182 -3.51 18.75 -2.17
C GLY B 182 -2.41 19.33 -3.04
N PHE B 183 -2.80 20.23 -3.94
CA PHE B 183 -1.86 20.95 -4.79
C PHE B 183 -1.24 22.08 -4.00
N ILE B 184 0.04 21.92 -3.65
CA ILE B 184 0.76 22.93 -2.91
C ILE B 184 1.80 23.59 -3.82
N ALA B 185 1.84 24.91 -3.81
CA ALA B 185 2.78 25.69 -4.65
C ALA B 185 4.23 25.55 -4.19
N THR B 186 5.05 24.94 -5.04
CA THR B 186 6.49 24.86 -4.81
C THR B 186 7.23 25.52 -5.97
N LYS B 198 -3.60 27.42 -13.05
CA LYS B 198 -4.96 27.90 -13.30
C LYS B 198 -5.94 26.72 -13.45
N LYS B 199 -5.57 25.74 -14.27
CA LYS B 199 -6.37 24.52 -14.42
C LYS B 199 -6.42 23.75 -13.10
N MET B 200 -5.32 23.79 -12.36
CA MET B 200 -5.24 23.15 -11.06
C MET B 200 -6.15 23.84 -10.05
N SER B 201 -5.97 25.16 -9.88
CA SER B 201 -6.73 25.89 -8.86
C SER B 201 -8.25 25.96 -9.12
N ASP B 202 -8.68 25.75 -10.36
CA ASP B 202 -10.11 25.60 -10.70
C ASP B 202 -10.75 24.30 -10.12
N GLN B 203 -9.93 23.28 -9.89
CA GLN B 203 -10.38 22.01 -9.30
C GLN B 203 -10.57 22.11 -7.76
N VAL B 204 -9.87 23.07 -7.18
CA VAL B 204 -9.86 23.32 -5.75
C VAL B 204 -11.10 24.17 -5.43
N ALA B 205 -11.87 23.81 -4.39
CA ALA B 205 -13.03 24.61 -4.01
C ALA B 205 -12.64 26.04 -3.60
N LEU B 206 -11.52 26.20 -2.90
CA LEU B 206 -11.02 27.51 -2.45
C LEU B 206 -10.37 28.34 -3.55
N ASN B 207 -10.21 27.76 -4.73
CA ASN B 207 -9.83 28.52 -5.91
C ASN B 207 -8.42 29.13 -5.78
N ARG B 208 -7.53 28.41 -5.10
CA ARG B 208 -6.12 28.77 -5.01
C ARG B 208 -5.31 27.55 -4.63
N LEU B 209 -4.03 27.58 -4.95
CA LEU B 209 -3.13 26.52 -4.54
C LEU B 209 -2.76 26.71 -3.08
N GLY B 210 -2.38 25.63 -2.44
CA GLY B 210 -1.93 25.68 -1.08
C GLY B 210 -0.51 26.20 -1.01
N GLU B 211 -0.08 26.53 0.19
CA GLU B 211 1.28 26.93 0.46
C GLU B 211 1.87 25.96 1.46
N PRO B 212 3.20 25.79 1.44
CA PRO B 212 3.86 24.95 2.43
C PRO B 212 3.41 25.22 3.88
N GLN B 213 3.16 26.48 4.22
CA GLN B 213 2.75 26.83 5.57
C GLN B 213 1.42 26.17 5.97
N ASP B 214 0.53 25.93 5.01
CA ASP B 214 -0.76 25.26 5.28
C ASP B 214 -0.50 23.84 5.82
N ILE B 215 0.50 23.18 5.24
CA ILE B 215 0.89 21.84 5.66
C ILE B 215 1.62 21.89 7.00
N ALA B 216 2.53 22.84 7.18
CA ALA B 216 3.20 23.05 8.46
C ALA B 216 2.20 23.27 9.60
N ASN B 217 1.16 24.04 9.33
CA ASN B 217 0.10 24.32 10.29
C ASN B 217 -0.62 23.02 10.72
N ALA B 218 -0.91 22.15 9.77
CA ALA B 218 -1.56 20.87 10.08
C ALA B 218 -0.63 19.93 10.88
N VAL B 219 0.65 19.87 10.49
CA VAL B 219 1.62 19.05 11.21
C VAL B 219 1.81 19.60 12.63
N SER B 220 1.88 20.93 12.75
CA SER B 220 2.01 21.59 14.04
C SER B 220 0.85 21.25 14.98
N PHE B 221 -0.36 21.28 14.43
CA PHE B 221 -1.52 20.88 15.20
C PHE B 221 -1.41 19.44 15.73
N LEU B 222 -1.10 18.52 14.81
CA LEU B 222 -0.96 17.09 15.19
C LEU B 222 0.14 16.81 16.18
N ALA B 223 1.23 17.56 16.10
CA ALA B 223 2.37 17.34 16.98
C ALA B 223 2.15 17.96 18.37
N SER B 224 1.05 18.70 18.54
CA SER B 224 0.75 19.41 19.79
C SER B 224 -0.18 18.62 20.72
N ASP B 225 -0.30 19.09 21.94
CA ASP B 225 -1.33 18.58 22.89
C ASP B 225 -2.78 18.83 22.44
N LYS B 226 -2.98 19.72 21.48
CA LYS B 226 -4.32 19.97 20.94
C LYS B 226 -4.82 18.80 20.09
N ALA B 227 -3.95 17.84 19.77
CA ALA B 227 -4.34 16.68 18.98
C ALA B 227 -3.98 15.37 19.69
N GLY B 228 -3.95 15.40 21.02
CA GLY B 228 -3.61 14.24 21.83
C GLY B 228 -4.58 13.07 21.77
N TYR B 229 -5.80 13.31 21.30
CA TYR B 229 -6.79 12.25 21.13
C TYR B 229 -7.07 11.89 19.67
N ILE B 230 -6.15 12.25 18.78
CA ILE B 230 -6.27 11.97 17.35
C ILE B 230 -5.14 11.04 16.97
N THR B 231 -5.51 9.83 16.51
CA THR B 231 -4.52 8.90 16.04
C THR B 231 -5.11 8.00 14.98
N GLY B 232 -4.23 7.54 14.10
CA GLY B 232 -4.63 6.70 12.98
C GLY B 232 -5.49 7.39 11.93
N THR B 233 -5.42 8.72 11.82
CA THR B 233 -6.25 9.42 10.85
C THR B 233 -5.45 9.97 9.67
N VAL B 234 -6.19 10.40 8.66
CA VAL B 234 -5.61 11.21 7.57
C VAL B 234 -6.25 12.59 7.66
N LEU B 235 -5.40 13.59 7.77
CA LEU B 235 -5.83 14.99 7.81
C LEU B 235 -5.63 15.57 6.41
N HIS B 236 -6.74 15.81 5.73
CA HIS B 236 -6.73 16.29 4.36
C HIS B 236 -6.57 17.81 4.35
N VAL B 237 -5.54 18.31 3.67
CA VAL B 237 -5.28 19.73 3.56
C VAL B 237 -5.15 20.07 2.08
N ASN B 238 -6.30 20.16 1.43
CA ASN B 238 -6.33 20.23 -0.03
C ASN B 238 -7.28 21.27 -0.62
N GLY B 239 -7.80 22.17 0.22
CA GLY B 239 -8.69 23.22 -0.26
C GLY B 239 -10.01 22.78 -0.88
N GLY B 240 -10.43 21.55 -0.56
CA GLY B 240 -11.64 21.01 -1.13
C GLY B 240 -11.46 20.40 -2.51
N LEU B 241 -10.22 20.21 -2.93
CA LEU B 241 -9.88 19.41 -4.12
C LEU B 241 -10.45 18.00 -4.04
N TYR B 242 -10.38 17.40 -2.85
CA TYR B 242 -10.95 16.09 -2.57
C TYR B 242 -11.56 16.13 -1.18
N MET B 243 -12.80 15.65 -1.06
CA MET B 243 -13.52 15.73 0.22
C MET B 243 -13.99 14.40 0.76
N ALA B 244 -13.68 14.16 2.01
CA ALA B 244 -14.46 13.24 2.82
C ALA B 244 -14.99 13.98 4.06
#